data_1DGM
#
_entry.id   1DGM
#
_cell.length_a   47.550
_cell.length_b   68.750
_cell.length_c   57.290
_cell.angle_alpha   90.00
_cell.angle_beta   100.30
_cell.angle_gamma   90.00
#
_symmetry.space_group_name_H-M   'P 1 21 1'
#
loop_
_entity.id
_entity.type
_entity.pdbx_description
1 polymer 'ADENOSINE KINASE'
2 non-polymer 'MAGNESIUM ION'
3 non-polymer 'CHLORIDE ION'
4 non-polymer ADENOSINE
5 non-polymer 'ACETIC ACID'
6 water water
#
_entity_poly.entity_id   1
_entity_poly.type   'polypeptide(L)'
_entity_poly.pdbx_seq_one_letter_code
;MAVDSSNSATGPMRVFAIGNPILDLVAEVPSSFLDEFFLKRGDATLATPEQMRIYSTLDQFNPTSLPGGSALNSVRVVQK
LLRKPGSAGYMGAIGDDPRGQVLKELCDKEGLATRFMVAPGQSTGVCAVLINEKERTLCTHLGACGSFRLPEDWTTFASG
ALIFYATAYTLTATPKNAFEVAGYAHGIPNAIFTLNLSAPFCVELYKDAMQSLLLHTNILFGNEEEFAHLAKVHNLVAAE
KTALSTANKEHAVEVCTGALRLLTAGQNTGATKLVVMTRGHNPVIAAEQTADGTVVVHEVGVPVVAAEKIVDTNGAGDAF
VGGFLYALSQGKTVKQCIMCGNACAQDVIQHVGFSLSFTSLPC
;
_entity_poly.pdbx_strand_id   A
#
loop_
_chem_comp.id
_chem_comp.type
_chem_comp.name
_chem_comp.formula
ACY non-polymer 'ACETIC ACID' 'C2 H4 O2'
ADN non-polymer ADENOSINE 'C10 H13 N5 O4'
CL non-polymer 'CHLORIDE ION' 'Cl -1'
MG non-polymer 'MAGNESIUM ION' 'Mg 2'
#
# COMPACT_ATOMS: atom_id res chain seq x y z
N THR A 10 -11.18 -3.85 -21.87
CA THR A 10 -10.17 -3.23 -20.97
C THR A 10 -10.69 -1.92 -20.38
N GLY A 11 -10.57 -1.79 -19.06
CA GLY A 11 -11.02 -0.57 -18.40
C GLY A 11 -12.53 -0.46 -18.30
N PRO A 12 -13.04 0.74 -17.95
CA PRO A 12 -12.23 1.92 -17.67
C PRO A 12 -11.41 1.81 -16.38
N MET A 13 -10.24 2.45 -16.39
CA MET A 13 -9.36 2.45 -15.22
C MET A 13 -9.96 3.42 -14.20
N ARG A 14 -10.26 2.93 -13.00
CA ARG A 14 -10.84 3.79 -11.96
C ARG A 14 -9.80 4.27 -10.95
N VAL A 15 -8.78 3.43 -10.72
CA VAL A 15 -7.74 3.76 -9.76
C VAL A 15 -6.36 3.57 -10.38
N PHE A 16 -5.47 4.53 -10.10
CA PHE A 16 -4.09 4.50 -10.59
C PHE A 16 -3.16 4.66 -9.40
N ALA A 17 -2.11 3.86 -9.34
CA ALA A 17 -1.18 3.94 -8.22
C ALA A 17 0.27 3.81 -8.65
N ILE A 18 1.17 4.35 -7.83
CA ILE A 18 2.59 4.21 -8.06
C ILE A 18 3.12 3.50 -6.83
N GLY A 19 4.19 2.74 -7.00
CA GLY A 19 4.76 2.03 -5.86
C GLY A 19 6.07 1.35 -6.24
N ASN A 20 6.56 0.51 -5.33
CA ASN A 20 7.80 -0.25 -5.53
C ASN A 20 7.33 -1.69 -5.74
N PRO A 21 7.37 -2.17 -6.99
CA PRO A 21 6.93 -3.54 -7.29
C PRO A 21 7.91 -4.61 -6.83
N ILE A 22 7.38 -5.64 -6.15
CA ILE A 22 8.20 -6.71 -5.62
C ILE A 22 7.67 -8.08 -6.00
N LEU A 23 8.55 -9.01 -6.37
CA LEU A 23 8.09 -10.36 -6.68
C LEU A 23 8.29 -11.16 -5.40
N ASP A 24 7.19 -11.66 -4.83
CA ASP A 24 7.29 -12.45 -3.62
C ASP A 24 7.49 -13.92 -3.99
N LEU A 25 8.42 -14.58 -3.31
CA LEU A 25 8.69 -16.00 -3.54
C LEU A 25 8.41 -16.71 -2.23
N VAL A 26 7.34 -17.50 -2.19
CA VAL A 26 6.93 -18.19 -0.97
C VAL A 26 7.27 -19.68 -0.97
N ALA A 27 7.86 -20.15 0.12
CA ALA A 27 8.23 -21.56 0.22
C ALA A 27 8.54 -21.99 1.65
N GLU A 28 8.25 -23.25 1.95
CA GLU A 28 8.55 -23.80 3.26
C GLU A 28 9.99 -24.26 3.15
N VAL A 29 10.80 -23.90 4.14
CA VAL A 29 12.20 -24.29 4.13
C VAL A 29 12.63 -24.85 5.47
N PRO A 30 13.66 -25.70 5.48
CA PRO A 30 14.11 -26.26 6.76
C PRO A 30 14.87 -25.17 7.52
N SER A 31 15.02 -25.33 8.83
CA SER A 31 15.72 -24.34 9.64
C SER A 31 17.15 -24.12 9.18
N SER A 32 17.77 -25.17 8.65
CA SER A 32 19.14 -25.09 8.16
C SER A 32 19.25 -24.04 7.05
N PHE A 33 18.15 -23.84 6.33
CA PHE A 33 18.13 -22.85 5.25
C PHE A 33 18.26 -21.45 5.86
N LEU A 34 17.52 -21.20 6.93
CA LEU A 34 17.58 -19.90 7.58
C LEU A 34 18.97 -19.62 8.13
N ASP A 35 19.59 -20.65 8.72
CA ASP A 35 20.92 -20.48 9.28
C ASP A 35 21.99 -20.26 8.22
N GLU A 36 21.87 -20.95 7.08
CA GLU A 36 22.85 -20.80 6.01
C GLU A 36 22.90 -19.34 5.54
N PHE A 37 21.75 -18.69 5.52
CA PHE A 37 21.68 -17.30 5.06
C PHE A 37 21.63 -16.29 6.19
N PHE A 38 22.01 -16.74 7.39
CA PHE A 38 22.06 -15.90 8.58
C PHE A 38 20.79 -15.13 8.87
N LEU A 39 19.65 -15.80 8.67
CA LEU A 39 18.35 -15.18 8.92
C LEU A 39 17.79 -15.56 10.27
N LYS A 40 17.12 -14.61 10.92
CA LYS A 40 16.51 -14.87 12.22
C LYS A 40 15.02 -15.07 11.99
N ARG A 41 14.53 -16.27 12.29
CA ARG A 41 13.12 -16.60 12.11
C ARG A 41 12.20 -15.50 12.65
N GLY A 42 11.22 -15.11 11.85
CA GLY A 42 10.27 -14.09 12.27
C GLY A 42 10.62 -12.67 11.89
N ASP A 43 11.88 -12.41 11.56
CA ASP A 43 12.29 -11.07 11.19
C ASP A 43 12.05 -10.75 9.72
N ALA A 44 12.01 -9.47 9.41
CA ALA A 44 11.81 -9.00 8.05
C ALA A 44 12.96 -8.01 7.83
N THR A 45 13.82 -8.31 6.85
CA THR A 45 14.97 -7.46 6.59
C THR A 45 15.26 -7.27 5.11
N LEU A 46 16.25 -6.44 4.82
CA LEU A 46 16.68 -6.20 3.45
C LEU A 46 17.91 -7.09 3.27
N ALA A 47 18.08 -7.65 2.09
CA ALA A 47 19.18 -8.55 1.82
C ALA A 47 20.57 -7.92 1.91
N THR A 48 21.48 -8.63 2.56
CA THR A 48 22.87 -8.19 2.66
C THR A 48 23.55 -8.80 1.43
N PRO A 49 24.78 -8.39 1.11
CA PRO A 49 25.47 -8.94 -0.06
C PRO A 49 25.44 -10.47 -0.20
N GLU A 50 25.78 -11.18 0.86
CA GLU A 50 25.79 -12.64 0.81
C GLU A 50 24.39 -13.24 0.64
N GLN A 51 23.41 -12.60 1.24
CA GLN A 51 22.03 -13.07 1.15
C GLN A 51 21.47 -12.94 -0.26
N MET A 52 22.17 -12.23 -1.14
CA MET A 52 21.71 -12.06 -2.51
C MET A 52 21.57 -13.39 -3.25
N ARG A 53 22.35 -14.38 -2.84
CA ARG A 53 22.31 -15.69 -3.48
C ARG A 53 21.06 -16.49 -3.09
N ILE A 54 20.31 -15.99 -2.11
CA ILE A 54 19.11 -16.70 -1.65
C ILE A 54 18.03 -16.84 -2.71
N TYR A 55 17.87 -15.81 -3.54
CA TYR A 55 16.82 -15.82 -4.55
C TYR A 55 16.93 -16.93 -5.60
N SER A 56 18.09 -17.08 -6.23
CA SER A 56 18.25 -18.13 -7.23
C SER A 56 18.23 -19.50 -6.55
N THR A 57 18.65 -19.53 -5.29
CA THR A 57 18.66 -20.77 -4.52
C THR A 57 17.22 -21.19 -4.23
N LEU A 58 16.39 -20.20 -3.91
CA LEU A 58 14.99 -20.44 -3.59
C LEU A 58 14.21 -20.90 -4.82
N ASP A 59 14.60 -20.41 -6.00
CA ASP A 59 13.91 -20.79 -7.23
C ASP A 59 13.83 -22.32 -7.38
N GLN A 60 14.81 -23.00 -6.78
CA GLN A 60 14.86 -24.46 -6.85
C GLN A 60 13.84 -25.15 -5.96
N PHE A 61 13.20 -24.40 -5.06
CA PHE A 61 12.19 -24.96 -4.18
C PHE A 61 10.82 -24.93 -4.85
N ASN A 62 10.77 -24.39 -6.06
CA ASN A 62 9.52 -24.25 -6.79
C ASN A 62 8.56 -23.44 -5.92
N PRO A 63 8.97 -22.21 -5.56
CA PRO A 63 8.16 -21.34 -4.72
C PRO A 63 6.94 -20.79 -5.44
N THR A 64 5.96 -20.37 -4.65
CA THR A 64 4.76 -19.77 -5.21
C THR A 64 5.18 -18.33 -5.50
N SER A 65 5.00 -17.89 -6.76
CA SER A 65 5.38 -16.53 -7.12
C SER A 65 4.14 -15.64 -7.14
N LEU A 66 4.21 -14.53 -6.43
CA LEU A 66 3.09 -13.61 -6.34
C LEU A 66 3.54 -12.17 -6.47
N PRO A 67 2.72 -11.33 -7.12
CA PRO A 67 3.13 -9.93 -7.23
C PRO A 67 3.14 -9.46 -5.78
N GLY A 68 4.02 -8.51 -5.47
CA GLY A 68 4.11 -8.03 -4.11
C GLY A 68 4.45 -6.55 -4.06
N GLY A 69 4.67 -6.03 -2.85
CA GLY A 69 4.95 -4.63 -2.70
C GLY A 69 3.65 -4.01 -2.20
N SER A 70 3.75 -3.08 -1.24
CA SER A 70 2.56 -2.49 -0.66
C SER A 70 1.51 -1.95 -1.63
N ALA A 71 1.88 -0.94 -2.43
CA ALA A 71 0.94 -0.35 -3.37
C ALA A 71 0.41 -1.34 -4.39
N LEU A 72 1.27 -2.25 -4.84
CA LEU A 72 0.83 -3.24 -5.83
C LEU A 72 -0.19 -4.19 -5.21
N ASN A 73 0.00 -4.55 -3.94
CA ASN A 73 -0.96 -5.42 -3.27
C ASN A 73 -2.30 -4.70 -3.19
N SER A 74 -2.26 -3.42 -2.80
CA SER A 74 -3.49 -2.65 -2.69
C SER A 74 -4.25 -2.54 -4.00
N VAL A 75 -3.57 -2.26 -5.12
CA VAL A 75 -4.30 -2.16 -6.39
C VAL A 75 -4.77 -3.52 -6.91
N ARG A 76 -4.10 -4.59 -6.50
CA ARG A 76 -4.54 -5.91 -6.93
C ARG A 76 -5.89 -6.19 -6.26
N VAL A 77 -6.07 -5.69 -5.04
CA VAL A 77 -7.34 -5.87 -4.34
C VAL A 77 -8.39 -5.06 -5.10
N VAL A 78 -8.06 -3.83 -5.46
CA VAL A 78 -8.97 -2.98 -6.21
C VAL A 78 -9.37 -3.66 -7.52
N GLN A 79 -8.38 -4.16 -8.24
CA GLN A 79 -8.61 -4.83 -9.52
C GLN A 79 -9.50 -6.05 -9.32
N LYS A 80 -9.25 -6.79 -8.23
CA LYS A 80 -10.01 -7.98 -7.91
C LYS A 80 -11.48 -7.62 -7.71
N LEU A 81 -11.72 -6.61 -6.88
CA LEU A 81 -13.07 -6.17 -6.57
C LEU A 81 -13.81 -5.50 -7.72
N LEU A 82 -13.09 -4.78 -8.57
CA LEU A 82 -13.73 -4.11 -9.70
C LEU A 82 -14.06 -5.14 -10.79
N ARG A 83 -13.42 -6.32 -10.68
CA ARG A 83 -13.63 -7.44 -11.61
C ARG A 83 -13.16 -7.26 -13.05
N LYS A 84 -13.75 -6.31 -13.77
CA LYS A 84 -13.40 -6.07 -15.17
C LYS A 84 -11.91 -5.80 -15.38
N PRO A 85 -11.29 -6.48 -16.36
CA PRO A 85 -9.87 -6.29 -16.65
C PRO A 85 -9.48 -4.84 -16.92
N GLY A 86 -8.32 -4.43 -16.39
CA GLY A 86 -7.84 -3.08 -16.61
C GLY A 86 -8.56 -2.00 -15.81
N SER A 87 -9.18 -2.39 -14.71
CA SER A 87 -9.91 -1.45 -13.86
C SER A 87 -8.98 -0.65 -12.95
N ALA A 88 -7.78 -1.18 -12.72
CA ALA A 88 -6.80 -0.50 -11.89
C ALA A 88 -5.47 -0.46 -12.63
N GLY A 89 -4.76 0.66 -12.51
CA GLY A 89 -3.48 0.80 -13.18
C GLY A 89 -2.35 0.98 -12.17
N TYR A 90 -1.14 0.65 -12.58
CA TYR A 90 0.00 0.76 -11.68
C TYR A 90 1.31 1.01 -12.42
N MET A 91 2.15 1.86 -11.84
CA MET A 91 3.46 2.14 -12.41
C MET A 91 4.55 2.00 -11.35
N GLY A 92 5.69 1.46 -11.77
CA GLY A 92 6.82 1.28 -10.88
C GLY A 92 8.02 0.82 -11.70
N ALA A 93 9.17 0.66 -11.07
CA ALA A 93 10.35 0.23 -11.80
C ALA A 93 10.77 -1.21 -11.51
N ILE A 94 11.16 -1.92 -12.57
CA ILE A 94 11.62 -3.30 -12.47
C ILE A 94 12.95 -3.38 -13.23
N GLY A 95 13.62 -4.52 -13.14
CA GLY A 95 14.88 -4.68 -13.85
C GLY A 95 14.64 -5.31 -15.22
N ASP A 96 15.70 -5.52 -15.98
CA ASP A 96 15.56 -6.14 -17.30
C ASP A 96 15.99 -7.60 -17.18
N ASP A 97 15.70 -8.16 -16.02
CA ASP A 97 16.04 -9.53 -15.68
C ASP A 97 14.84 -10.48 -15.83
N PRO A 98 15.06 -11.79 -15.68
CA PRO A 98 13.96 -12.75 -15.80
C PRO A 98 12.80 -12.50 -14.83
N ARG A 99 13.13 -12.17 -13.59
CA ARG A 99 12.09 -11.91 -12.59
C ARG A 99 11.15 -10.80 -13.00
N GLY A 100 11.69 -9.82 -13.74
CA GLY A 100 10.88 -8.71 -14.18
C GLY A 100 9.76 -9.17 -15.10
N GLN A 101 10.08 -10.11 -16.00
CA GLN A 101 9.09 -10.62 -16.93
C GLN A 101 8.09 -11.52 -16.20
N VAL A 102 8.57 -12.25 -15.20
CA VAL A 102 7.69 -13.11 -14.42
C VAL A 102 6.67 -12.24 -13.68
N LEU A 103 7.14 -11.13 -13.11
CA LEU A 103 6.25 -10.23 -12.39
C LEU A 103 5.22 -9.60 -13.32
N LYS A 104 5.67 -9.14 -14.49
CA LYS A 104 4.77 -8.52 -15.46
C LYS A 104 3.68 -9.51 -15.89
N GLU A 105 4.09 -10.74 -16.20
CA GLU A 105 3.14 -11.77 -16.62
C GLU A 105 2.11 -12.07 -15.55
N LEU A 106 2.55 -12.12 -14.29
CA LEU A 106 1.63 -12.40 -13.19
C LEU A 106 0.59 -11.29 -13.10
N CYS A 107 1.03 -10.05 -13.27
CA CYS A 107 0.13 -8.91 -13.22
C CYS A 107 -0.84 -8.97 -14.39
N ASP A 108 -0.34 -9.36 -15.55
CA ASP A 108 -1.19 -9.47 -16.75
C ASP A 108 -2.27 -10.52 -16.52
N LYS A 109 -1.89 -11.63 -15.89
CA LYS A 109 -2.82 -12.72 -15.60
C LYS A 109 -3.99 -12.28 -14.73
N GLU A 110 -3.71 -11.33 -13.82
CA GLU A 110 -4.75 -10.82 -12.92
C GLU A 110 -5.63 -9.73 -13.54
N GLY A 111 -5.27 -9.27 -14.74
CA GLY A 111 -6.06 -8.24 -15.38
C GLY A 111 -5.71 -6.82 -14.97
N LEU A 112 -4.61 -6.67 -14.22
CA LEU A 112 -4.18 -5.33 -13.81
C LEU A 112 -3.48 -4.65 -14.97
N ALA A 113 -3.70 -3.35 -15.13
CA ALA A 113 -3.05 -2.59 -16.18
C ALA A 113 -1.75 -2.10 -15.55
N THR A 114 -0.62 -2.37 -16.18
CA THR A 114 0.66 -1.96 -15.63
C THR A 114 1.61 -1.40 -16.68
N ARG A 115 2.48 -0.50 -16.23
CA ARG A 115 3.51 0.05 -17.08
C ARG A 115 4.76 0.14 -16.22
N PHE A 116 5.64 -0.83 -16.38
CA PHE A 116 6.88 -0.89 -15.61
C PHE A 116 8.06 -0.24 -16.32
N MET A 117 8.69 0.71 -15.64
CA MET A 117 9.86 1.38 -16.18
C MET A 117 10.99 0.37 -15.97
N VAL A 118 11.71 0.04 -17.04
CA VAL A 118 12.80 -0.93 -16.92
C VAL A 118 14.14 -0.25 -16.71
N ALA A 119 14.85 -0.68 -15.66
CA ALA A 119 16.16 -0.14 -15.33
C ALA A 119 17.19 -1.19 -15.73
N PRO A 120 17.80 -1.03 -16.92
CA PRO A 120 18.81 -1.95 -17.44
C PRO A 120 19.95 -2.24 -16.48
N GLY A 121 20.30 -3.52 -16.33
CA GLY A 121 21.38 -3.91 -15.45
C GLY A 121 21.05 -4.04 -13.99
N GLN A 122 19.82 -3.71 -13.60
CA GLN A 122 19.42 -3.82 -12.21
C GLN A 122 18.44 -4.97 -12.01
N SER A 123 18.34 -5.47 -10.79
CA SER A 123 17.46 -6.58 -10.46
C SER A 123 16.07 -6.10 -10.05
N THR A 124 15.06 -6.86 -10.45
CA THR A 124 13.69 -6.53 -10.11
C THR A 124 13.54 -6.78 -8.60
N GLY A 125 12.77 -5.94 -7.92
CA GLY A 125 12.56 -6.13 -6.49
C GLY A 125 12.07 -7.54 -6.22
N VAL A 126 12.63 -8.19 -5.21
CA VAL A 126 12.23 -9.56 -4.87
C VAL A 126 12.27 -9.80 -3.37
N CYS A 127 11.35 -10.61 -2.88
CA CYS A 127 11.30 -10.91 -1.45
C CYS A 127 11.15 -12.41 -1.21
N ALA A 128 12.07 -12.95 -0.42
CA ALA A 128 12.00 -14.35 -0.08
C ALA A 128 11.05 -14.47 1.11
N VAL A 129 9.93 -15.16 0.92
CA VAL A 129 8.96 -15.35 2.00
C VAL A 129 9.19 -16.78 2.46
N LEU A 130 10.00 -16.92 3.50
CA LEU A 130 10.37 -18.21 4.04
C LEU A 130 9.51 -18.70 5.20
N ILE A 131 8.80 -19.80 4.94
CA ILE A 131 7.93 -20.38 5.95
C ILE A 131 8.67 -21.45 6.74
N ASN A 132 8.68 -21.29 8.06
CA ASN A 132 9.36 -22.22 8.94
C ASN A 132 8.79 -22.15 10.34
N GLU A 133 8.40 -23.31 10.87
CA GLU A 133 7.82 -23.41 12.20
C GLU A 133 6.66 -22.44 12.41
N LYS A 134 5.74 -22.44 11.45
CA LYS A 134 4.55 -21.60 11.50
C LYS A 134 4.84 -20.11 11.52
N GLU A 135 6.06 -19.73 11.14
CA GLU A 135 6.44 -18.32 11.11
C GLU A 135 6.95 -17.92 9.73
N ARG A 136 6.81 -16.63 9.41
CA ARG A 136 7.27 -16.11 8.13
C ARG A 136 8.50 -15.25 8.33
N THR A 137 9.56 -15.56 7.60
CA THR A 137 10.80 -14.80 7.67
C THR A 137 10.99 -14.19 6.28
N LEU A 138 11.09 -12.86 6.24
CA LEU A 138 11.24 -12.16 4.97
C LEU A 138 12.62 -11.53 4.76
N CYS A 139 13.10 -11.62 3.53
CA CYS A 139 14.38 -11.04 3.16
C CYS A 139 14.15 -10.39 1.80
N THR A 140 14.12 -9.07 1.79
CA THR A 140 13.85 -8.32 0.57
C THR A 140 15.02 -7.58 -0.06
N HIS A 141 15.07 -7.61 -1.40
CA HIS A 141 16.08 -6.88 -2.17
C HIS A 141 15.27 -5.93 -3.05
N LEU A 142 15.29 -4.64 -2.71
CA LEU A 142 14.51 -3.64 -3.46
C LEU A 142 14.93 -3.43 -4.92
N GLY A 143 16.24 -3.56 -5.16
CA GLY A 143 16.75 -3.41 -6.52
C GLY A 143 16.32 -2.18 -7.32
N ALA A 144 15.75 -2.44 -8.49
CA ALA A 144 15.32 -1.39 -9.42
C ALA A 144 14.26 -0.41 -8.90
N CYS A 145 13.51 -0.81 -7.88
CA CYS A 145 12.45 0.06 -7.35
C CYS A 145 12.93 1.49 -7.08
N GLY A 146 14.15 1.63 -6.57
CA GLY A 146 14.67 2.94 -6.26
C GLY A 146 15.02 3.86 -7.43
N SER A 147 15.00 3.31 -8.64
CA SER A 147 15.34 4.11 -9.82
C SER A 147 14.10 4.62 -10.56
N PHE A 148 12.92 4.33 -10.02
CA PHE A 148 11.70 4.76 -10.68
C PHE A 148 11.53 6.27 -10.87
N ARG A 149 11.12 6.64 -12.08
CA ARG A 149 10.86 8.03 -12.41
C ARG A 149 9.71 7.99 -13.43
N LEU A 150 8.62 8.66 -13.10
CA LEU A 150 7.47 8.70 -14.00
C LEU A 150 7.82 9.17 -15.41
N PRO A 151 7.32 8.46 -16.44
CA PRO A 151 7.60 8.85 -17.82
C PRO A 151 6.83 10.14 -18.11
N GLU A 152 7.30 10.93 -19.06
CA GLU A 152 6.63 12.19 -19.37
C GLU A 152 5.17 12.05 -19.82
N ASP A 153 4.81 10.87 -20.30
CA ASP A 153 3.44 10.64 -20.75
C ASP A 153 2.66 9.70 -19.84
N TRP A 154 3.00 9.66 -18.56
CA TRP A 154 2.29 8.76 -17.65
C TRP A 154 0.80 9.06 -17.56
N THR A 155 0.42 10.33 -17.69
CA THR A 155 -0.99 10.70 -17.61
C THR A 155 -1.84 10.06 -18.71
N THR A 156 -1.22 9.71 -19.84
CA THR A 156 -1.96 9.07 -20.90
C THR A 156 -2.37 7.67 -20.42
N PHE A 157 -1.45 7.01 -19.72
CA PHE A 157 -1.71 5.68 -19.20
C PHE A 157 -2.84 5.73 -18.17
N ALA A 158 -2.87 6.82 -17.40
CA ALA A 158 -3.87 6.99 -16.35
C ALA A 158 -5.29 7.22 -16.86
N SER A 159 -5.45 7.37 -18.18
CA SER A 159 -6.76 7.56 -18.79
C SER A 159 -7.69 8.52 -18.04
N GLY A 160 -8.89 8.03 -17.75
CA GLY A 160 -9.87 8.83 -17.05
C GLY A 160 -9.99 8.48 -15.57
N ALA A 161 -8.93 7.97 -14.98
CA ALA A 161 -8.97 7.61 -13.56
C ALA A 161 -9.16 8.86 -12.72
N LEU A 162 -9.95 8.75 -11.65
CA LEU A 162 -10.17 9.89 -10.78
C LEU A 162 -9.70 9.63 -9.35
N ILE A 163 -9.12 8.46 -9.13
CA ILE A 163 -8.60 8.12 -7.80
C ILE A 163 -7.13 7.78 -7.97
N PHE A 164 -6.27 8.55 -7.31
CA PHE A 164 -4.82 8.33 -7.39
C PHE A 164 -4.27 7.94 -6.02
N TYR A 165 -3.33 7.01 -6.02
CA TYR A 165 -2.77 6.53 -4.76
C TYR A 165 -1.26 6.36 -4.83
N ALA A 166 -0.60 6.69 -3.72
CA ALA A 166 0.84 6.52 -3.64
C ALA A 166 1.17 6.16 -2.20
N THR A 167 2.20 5.35 -2.02
CA THR A 167 2.65 4.98 -0.69
C THR A 167 3.83 5.89 -0.41
N ALA A 168 4.05 6.19 0.86
CA ALA A 168 5.17 7.04 1.24
C ALA A 168 6.47 6.33 0.86
N TYR A 169 6.39 5.01 0.66
CA TYR A 169 7.56 4.22 0.29
C TYR A 169 8.14 4.73 -1.03
N THR A 170 7.29 5.30 -1.89
CA THR A 170 7.75 5.80 -3.19
C THR A 170 8.67 7.01 -3.02
N LEU A 171 8.61 7.67 -1.86
CA LEU A 171 9.47 8.83 -1.65
C LEU A 171 10.94 8.45 -1.69
N THR A 172 11.24 7.19 -1.41
CA THR A 172 12.62 6.71 -1.42
C THR A 172 13.30 6.87 -2.78
N ALA A 173 12.59 6.55 -3.87
CA ALA A 173 13.15 6.72 -5.20
C ALA A 173 13.34 8.23 -5.41
N THR A 174 12.27 8.97 -5.17
CA THR A 174 12.25 10.43 -5.25
C THR A 174 10.85 10.93 -4.96
N PRO A 175 10.73 11.97 -4.13
CA PRO A 175 9.42 12.53 -3.79
C PRO A 175 8.74 13.13 -5.02
N LYS A 176 9.52 13.36 -6.08
CA LYS A 176 8.97 13.95 -7.30
C LYS A 176 7.87 13.14 -7.97
N ASN A 177 7.92 11.81 -7.86
CA ASN A 177 6.88 10.99 -8.47
C ASN A 177 5.55 11.24 -7.77
N ALA A 178 5.52 11.12 -6.46
CA ALA A 178 4.29 11.36 -5.71
C ALA A 178 3.84 12.82 -5.88
N PHE A 179 4.79 13.75 -5.91
CA PHE A 179 4.41 15.16 -6.09
C PHE A 179 3.75 15.38 -7.44
N GLU A 180 4.28 14.74 -8.49
CA GLU A 180 3.70 14.88 -9.81
C GLU A 180 2.31 14.25 -9.90
N VAL A 181 2.14 13.09 -9.28
CA VAL A 181 0.84 12.42 -9.30
C VAL A 181 -0.18 13.30 -8.58
N ALA A 182 0.20 13.82 -7.42
CA ALA A 182 -0.69 14.66 -6.63
C ALA A 182 -0.99 15.97 -7.36
N GLY A 183 0.00 16.52 -8.05
CA GLY A 183 -0.19 17.75 -8.78
C GLY A 183 -1.19 17.58 -9.90
N TYR A 184 -1.08 16.45 -10.60
CA TYR A 184 -1.99 16.15 -11.70
C TYR A 184 -3.41 16.02 -11.16
N ALA A 185 -3.55 15.30 -10.04
CA ALA A 185 -4.85 15.09 -9.43
C ALA A 185 -5.45 16.41 -8.94
N HIS A 186 -4.61 17.32 -8.48
CA HIS A 186 -5.09 18.61 -7.98
C HIS A 186 -5.73 19.44 -9.09
N GLY A 187 -5.22 19.30 -10.30
CA GLY A 187 -5.76 20.05 -11.43
C GLY A 187 -7.11 19.55 -11.90
N ILE A 188 -7.57 18.43 -11.32
CA ILE A 188 -8.86 17.85 -11.69
C ILE A 188 -9.79 17.93 -10.48
N PRO A 189 -10.84 18.75 -10.56
CA PRO A 189 -11.82 18.94 -9.50
C PRO A 189 -12.41 17.66 -8.92
N ASN A 190 -12.79 16.75 -9.80
CA ASN A 190 -13.39 15.48 -9.38
C ASN A 190 -12.41 14.37 -9.04
N ALA A 191 -11.12 14.64 -9.15
CA ALA A 191 -10.12 13.63 -8.83
C ALA A 191 -9.57 13.83 -7.43
N ILE A 192 -9.08 12.75 -6.82
CA ILE A 192 -8.50 12.87 -5.49
C ILE A 192 -7.16 12.16 -5.46
N PHE A 193 -6.30 12.61 -4.54
CA PHE A 193 -5.00 12.00 -4.37
C PHE A 193 -5.02 11.38 -2.97
N THR A 194 -4.59 10.14 -2.85
CA THR A 194 -4.60 9.46 -1.56
C THR A 194 -3.18 8.98 -1.26
N LEU A 195 -2.81 9.05 0.01
CA LEU A 195 -1.45 8.71 0.44
C LEU A 195 -1.41 7.80 1.66
N ASN A 196 -0.39 6.94 1.73
CA ASN A 196 -0.22 6.05 2.86
C ASN A 196 1.05 6.52 3.59
N LEU A 197 1.01 6.57 4.91
CA LEU A 197 2.18 7.00 5.67
C LEU A 197 3.28 5.94 5.58
N SER A 198 2.87 4.71 5.26
CA SER A 198 3.73 3.54 5.07
C SER A 198 4.62 3.05 6.21
N ALA A 199 5.32 3.95 6.88
CA ALA A 199 6.19 3.53 7.98
C ALA A 199 6.63 4.74 8.78
N PRO A 200 6.84 4.57 10.09
CA PRO A 200 7.27 5.69 10.93
C PRO A 200 8.52 6.40 10.41
N PHE A 201 9.42 5.67 9.77
CA PHE A 201 10.62 6.32 9.28
C PHE A 201 10.35 7.15 8.04
N CYS A 202 9.33 6.81 7.26
CA CYS A 202 9.01 7.61 6.09
C CYS A 202 8.57 8.96 6.66
N VAL A 203 7.79 8.91 7.73
CA VAL A 203 7.28 10.12 8.38
C VAL A 203 8.41 11.00 8.88
N GLU A 204 9.45 10.37 9.42
CA GLU A 204 10.60 11.08 9.95
C GLU A 204 11.53 11.60 8.86
N LEU A 205 11.93 10.70 7.96
CA LEU A 205 12.86 11.08 6.90
C LEU A 205 12.32 12.13 5.93
N TYR A 206 11.04 12.04 5.59
CA TYR A 206 10.46 12.97 4.64
C TYR A 206 9.52 14.03 5.23
N LYS A 207 9.89 14.54 6.40
CA LYS A 207 9.08 15.56 7.07
C LYS A 207 8.77 16.74 6.14
N ASP A 208 9.81 17.31 5.55
CA ASP A 208 9.63 18.45 4.65
C ASP A 208 8.78 18.14 3.44
N ALA A 209 9.11 17.05 2.75
CA ALA A 209 8.37 16.66 1.55
C ALA A 209 6.90 16.39 1.87
N MET A 210 6.64 15.71 2.98
CA MET A 210 5.27 15.40 3.36
C MET A 210 4.46 16.64 3.69
N GLN A 211 5.11 17.62 4.30
CA GLN A 211 4.44 18.86 4.66
C GLN A 211 3.77 19.41 3.41
N SER A 212 4.54 19.48 2.32
CA SER A 212 4.03 19.98 1.06
C SER A 212 3.03 19.03 0.40
N LEU A 213 3.36 17.74 0.40
CA LEU A 213 2.51 16.73 -0.21
C LEU A 213 1.14 16.59 0.46
N LEU A 214 1.11 16.69 1.78
CA LEU A 214 -0.16 16.56 2.49
C LEU A 214 -1.12 17.68 2.13
N LEU A 215 -0.60 18.84 1.77
CA LEU A 215 -1.48 19.95 1.40
C LEU A 215 -2.11 19.69 0.04
N HIS A 216 -1.63 18.66 -0.66
CA HIS A 216 -2.16 18.28 -1.95
C HIS A 216 -2.81 16.90 -1.84
N THR A 217 -3.12 16.49 -0.60
CA THR A 217 -3.71 15.18 -0.35
C THR A 217 -5.16 15.26 0.11
N ASN A 218 -6.00 14.37 -0.42
CA ASN A 218 -7.41 14.33 -0.05
C ASN A 218 -7.68 13.27 1.01
N ILE A 219 -7.02 12.12 0.91
CA ILE A 219 -7.22 11.07 1.91
C ILE A 219 -5.87 10.53 2.37
N LEU A 220 -5.66 10.53 3.68
CA LEU A 220 -4.41 10.04 4.26
C LEU A 220 -4.67 8.77 5.08
N PHE A 221 -3.96 7.70 4.75
CA PHE A 221 -4.08 6.42 5.44
C PHE A 221 -2.85 6.18 6.30
N GLY A 222 -3.04 5.48 7.41
CA GLY A 222 -1.92 5.18 8.29
C GLY A 222 -2.38 4.43 9.52
N ASN A 223 -1.44 3.81 10.22
CA ASN A 223 -1.78 3.10 11.45
C ASN A 223 -1.37 3.94 12.65
N GLU A 224 -1.52 3.37 13.84
CA GLU A 224 -1.20 4.06 15.08
C GLU A 224 0.23 4.59 15.21
N GLU A 225 1.22 3.72 15.04
CA GLU A 225 2.61 4.14 15.17
C GLU A 225 2.97 5.21 14.14
N GLU A 226 2.43 5.10 12.94
CA GLU A 226 2.71 6.06 11.89
C GLU A 226 2.15 7.43 12.25
N PHE A 227 0.89 7.47 12.69
CA PHE A 227 0.28 8.73 13.08
C PHE A 227 0.91 9.33 14.33
N ALA A 228 1.34 8.46 15.25
CA ALA A 228 1.96 8.91 16.49
C ALA A 228 3.23 9.70 16.17
N HIS A 229 4.01 9.19 15.23
CA HIS A 229 5.25 9.87 14.88
C HIS A 229 4.96 11.13 14.09
N LEU A 230 3.90 11.12 13.29
CA LEU A 230 3.51 12.28 12.51
C LEU A 230 3.12 13.41 13.47
N ALA A 231 2.42 13.03 14.55
CA ALA A 231 1.97 14.00 15.55
C ALA A 231 3.15 14.63 16.28
N LYS A 232 4.20 13.85 16.50
CA LYS A 232 5.38 14.34 17.19
C LYS A 232 6.24 15.18 16.24
N VAL A 233 6.49 14.63 15.04
CA VAL A 233 7.29 15.32 14.04
C VAL A 233 6.71 16.68 13.66
N HIS A 234 5.39 16.74 13.51
CA HIS A 234 4.72 17.98 13.13
C HIS A 234 4.08 18.70 14.32
N ASN A 235 4.34 18.18 15.52
CA ASN A 235 3.79 18.76 16.75
C ASN A 235 2.29 18.99 16.65
N LEU A 236 1.57 17.96 16.21
CA LEU A 236 0.12 18.05 16.06
C LEU A 236 -0.61 18.08 17.40
N VAL A 237 -0.02 17.48 18.42
CA VAL A 237 -0.63 17.45 19.75
C VAL A 237 0.31 17.97 20.83
N THR A 246 -2.44 6.16 21.44
CA THR A 246 -3.62 6.17 20.51
C THR A 246 -4.60 5.06 20.83
N ALA A 247 -4.22 4.17 21.75
CA ALA A 247 -5.10 3.08 22.15
C ALA A 247 -6.31 3.75 22.81
N ASN A 248 -6.07 4.96 23.29
CA ASN A 248 -7.10 5.76 23.93
C ASN A 248 -7.84 6.54 22.85
N LYS A 249 -9.16 6.39 22.80
CA LYS A 249 -9.97 7.07 21.79
C LYS A 249 -9.75 8.58 21.72
N GLU A 250 -10.07 9.28 22.81
CA GLU A 250 -9.92 10.72 22.85
C GLU A 250 -8.59 11.19 22.27
N HIS A 251 -7.53 10.43 22.53
CA HIS A 251 -6.21 10.78 22.02
C HIS A 251 -6.10 10.51 20.53
N ALA A 252 -6.67 9.38 20.08
CA ALA A 252 -6.63 9.03 18.67
C ALA A 252 -7.38 10.09 17.87
N VAL A 253 -8.49 10.55 18.42
CA VAL A 253 -9.29 11.57 17.77
C VAL A 253 -8.51 12.88 17.69
N GLU A 254 -7.80 13.18 18.77
CA GLU A 254 -6.99 14.39 18.83
C GLU A 254 -5.93 14.33 17.74
N VAL A 255 -5.27 13.20 17.63
CA VAL A 255 -4.22 13.00 16.63
C VAL A 255 -4.79 13.15 15.22
N CYS A 256 -5.88 12.44 14.92
CA CYS A 256 -6.50 12.52 13.60
C CYS A 256 -6.95 13.93 13.26
N THR A 257 -7.56 14.60 14.23
CA THR A 257 -8.04 15.96 14.04
C THR A 257 -6.88 16.90 13.73
N GLY A 258 -5.76 16.71 14.43
CA GLY A 258 -4.60 17.55 14.22
C GLY A 258 -3.96 17.28 12.87
N ALA A 259 -3.92 16.01 12.48
CA ALA A 259 -3.32 15.62 11.20
C ALA A 259 -4.14 16.19 10.04
N LEU A 260 -5.46 16.26 10.22
CA LEU A 260 -6.35 16.78 9.19
C LEU A 260 -5.94 18.20 8.81
N ARG A 261 -5.33 18.91 9.75
CA ARG A 261 -4.89 20.28 9.53
C ARG A 261 -3.75 20.32 8.52
N LEU A 262 -2.98 19.24 8.44
CA LEU A 262 -1.86 19.16 7.51
C LEU A 262 -2.38 19.03 6.08
N LEU A 263 -3.64 18.66 5.95
CA LEU A 263 -4.27 18.52 4.64
C LEU A 263 -5.08 19.76 4.27
N THR A 264 -5.66 20.41 5.28
CA THR A 264 -6.50 21.58 5.05
C THR A 264 -5.86 22.94 5.27
N ALA A 265 -4.80 22.99 6.08
CA ALA A 265 -4.14 24.24 6.41
C ALA A 265 -5.17 25.16 7.10
N GLY A 266 -6.23 24.55 7.61
CA GLY A 266 -7.27 25.31 8.29
C GLY A 266 -8.26 25.97 7.35
N GLN A 267 -8.08 25.73 6.05
CA GLN A 267 -8.96 26.31 5.04
C GLN A 267 -9.95 25.27 4.54
N ASN A 268 -10.93 25.71 3.77
CA ASN A 268 -11.92 24.78 3.23
C ASN A 268 -12.02 24.93 1.72
N THR A 269 -11.36 24.03 1.01
CA THR A 269 -11.39 24.06 -0.45
C THR A 269 -12.64 23.36 -0.92
N GLY A 270 -13.35 22.74 0.02
CA GLY A 270 -14.56 22.03 -0.34
C GLY A 270 -14.25 20.67 -0.94
N ALA A 271 -12.96 20.37 -1.09
CA ALA A 271 -12.57 19.08 -1.64
C ALA A 271 -12.51 18.04 -0.54
N THR A 272 -12.46 16.77 -0.92
CA THR A 272 -12.37 15.70 0.06
C THR A 272 -11.13 15.88 0.93
N LYS A 273 -11.32 15.84 2.24
CA LYS A 273 -10.23 15.99 3.21
C LYS A 273 -10.54 15.00 4.31
N LEU A 274 -9.75 13.94 4.38
CA LEU A 274 -10.00 12.88 5.35
C LEU A 274 -8.73 12.16 5.81
N VAL A 275 -8.64 11.90 7.11
CA VAL A 275 -7.51 11.16 7.67
C VAL A 275 -8.12 9.89 8.28
N VAL A 276 -7.55 8.73 7.92
CA VAL A 276 -8.05 7.45 8.40
C VAL A 276 -6.95 6.73 9.16
N MET A 277 -7.25 6.41 10.42
CA MET A 277 -6.28 5.73 11.28
C MET A 277 -6.73 4.32 11.67
N THR A 278 -6.00 3.30 11.20
CA THR A 278 -6.32 1.95 11.59
C THR A 278 -5.65 1.79 12.94
N ARG A 279 -6.21 0.95 13.81
CA ARG A 279 -5.64 0.77 15.13
C ARG A 279 -5.64 -0.69 15.56
N GLY A 280 -5.18 -1.56 14.66
CA GLY A 280 -5.13 -2.98 14.97
C GLY A 280 -6.50 -3.59 15.23
N HIS A 281 -6.72 -4.03 16.47
CA HIS A 281 -7.98 -4.64 16.87
C HIS A 281 -9.03 -3.58 17.19
N ASN A 282 -8.57 -2.45 17.73
CA ASN A 282 -9.46 -1.37 18.10
C ASN A 282 -10.14 -0.76 16.88
N PRO A 283 -11.27 -0.07 17.09
CA PRO A 283 -12.02 0.56 16.01
C PRO A 283 -11.20 1.54 15.18
N VAL A 284 -11.53 1.62 13.90
CA VAL A 284 -10.85 2.56 13.02
C VAL A 284 -11.39 3.93 13.37
N ILE A 285 -10.51 4.93 13.40
CA ILE A 285 -10.93 6.30 13.70
C ILE A 285 -10.57 7.17 12.50
N ALA A 286 -11.48 8.04 12.10
CA ALA A 286 -11.25 8.92 10.97
C ALA A 286 -11.80 10.31 11.25
N ALA A 287 -11.11 11.33 10.74
CA ALA A 287 -11.56 12.71 10.91
C ALA A 287 -11.74 13.28 9.51
N GLU A 288 -12.91 13.86 9.27
CA GLU A 288 -13.22 14.43 7.96
C GLU A 288 -13.69 15.87 8.02
N GLN A 289 -13.44 16.60 6.95
CA GLN A 289 -13.90 17.98 6.81
C GLN A 289 -14.74 18.02 5.54
N THR A 290 -16.06 18.10 5.72
CA THR A 290 -16.99 18.14 4.60
C THR A 290 -16.83 19.42 3.78
N ALA A 291 -17.42 19.44 2.59
CA ALA A 291 -17.35 20.61 1.72
C ALA A 291 -17.96 21.78 2.48
N ASP A 292 -18.73 21.41 3.50
CA ASP A 292 -19.40 22.36 4.39
C ASP A 292 -18.38 23.14 5.20
N GLY A 293 -17.28 22.48 5.54
CA GLY A 293 -16.24 23.13 6.31
C GLY A 293 -16.18 22.68 7.76
N THR A 294 -17.08 21.79 8.15
CA THR A 294 -17.11 21.29 9.52
C THR A 294 -16.36 19.97 9.66
N VAL A 295 -15.82 19.72 10.84
CA VAL A 295 -15.07 18.51 11.12
C VAL A 295 -16.00 17.42 11.67
N VAL A 296 -15.79 16.20 11.21
CA VAL A 296 -16.60 15.07 11.63
C VAL A 296 -15.69 13.90 12.00
N VAL A 297 -16.02 13.20 13.07
CA VAL A 297 -15.23 12.06 13.51
C VAL A 297 -16.01 10.78 13.26
N HIS A 298 -15.35 9.82 12.60
CA HIS A 298 -15.96 8.53 12.27
C HIS A 298 -15.31 7.44 13.12
N GLU A 299 -16.12 6.48 13.55
CA GLU A 299 -15.62 5.35 14.33
C GLU A 299 -16.27 4.08 13.81
N VAL A 300 -15.44 3.12 13.39
CA VAL A 300 -15.97 1.86 12.87
C VAL A 300 -15.25 0.67 13.49
N GLY A 301 -16.00 -0.17 14.20
CA GLY A 301 -15.42 -1.33 14.83
C GLY A 301 -14.95 -2.35 13.82
N VAL A 302 -13.97 -3.17 14.22
CA VAL A 302 -13.42 -4.19 13.34
C VAL A 302 -13.91 -5.59 13.69
N PRO A 303 -14.68 -6.21 12.78
CA PRO A 303 -15.19 -7.57 13.01
C PRO A 303 -14.03 -8.54 13.20
N VAL A 304 -14.03 -9.25 14.32
CA VAL A 304 -12.96 -10.19 14.60
C VAL A 304 -13.22 -11.56 13.97
N VAL A 305 -12.13 -12.31 13.77
CA VAL A 305 -12.20 -13.66 13.21
C VAL A 305 -11.61 -14.59 14.26
N ALA A 306 -12.08 -15.83 14.28
CA ALA A 306 -11.57 -16.81 15.24
C ALA A 306 -10.06 -16.85 15.13
N ALA A 307 -9.38 -16.77 16.27
CA ALA A 307 -7.93 -16.80 16.32
C ALA A 307 -7.36 -17.96 15.51
N GLU A 308 -8.13 -19.04 15.40
CA GLU A 308 -7.71 -20.23 14.69
C GLU A 308 -7.62 -20.07 13.17
N LYS A 309 -8.17 -18.98 12.65
CA LYS A 309 -8.12 -18.74 11.21
C LYS A 309 -7.02 -17.78 10.80
N ILE A 310 -6.62 -16.91 11.72
CA ILE A 310 -5.56 -15.94 11.45
C ILE A 310 -4.27 -16.69 11.13
N VAL A 311 -3.88 -16.66 9.86
CA VAL A 311 -2.69 -17.34 9.38
C VAL A 311 -1.49 -16.43 9.14
N ASP A 312 -1.69 -15.35 8.39
CA ASP A 312 -0.61 -14.42 8.08
C ASP A 312 -1.14 -12.99 8.05
N THR A 313 -0.75 -12.20 9.04
CA THR A 313 -1.19 -10.81 9.17
C THR A 313 -0.48 -9.87 8.20
N ASN A 314 0.54 -10.36 7.52
CA ASN A 314 1.28 -9.54 6.56
C ASN A 314 0.38 -9.16 5.38
N GLY A 315 0.22 -7.86 5.15
CA GLY A 315 -0.61 -7.41 4.05
C GLY A 315 -1.99 -6.93 4.46
N ALA A 316 -2.31 -7.06 5.75
CA ALA A 316 -3.61 -6.62 6.25
C ALA A 316 -3.83 -5.15 5.92
N GLY A 317 -2.82 -4.32 6.20
CA GLY A 317 -2.94 -2.90 5.91
C GLY A 317 -3.10 -2.60 4.43
N ASP A 318 -2.40 -3.34 3.59
CA ASP A 318 -2.50 -3.14 2.14
C ASP A 318 -3.91 -3.49 1.66
N ALA A 319 -4.47 -4.57 2.20
CA ALA A 319 -5.81 -5.00 1.83
C ALA A 319 -6.86 -3.98 2.28
N PHE A 320 -6.65 -3.43 3.47
CA PHE A 320 -7.58 -2.43 4.00
C PHE A 320 -7.66 -1.25 3.02
N VAL A 321 -6.50 -0.74 2.61
CA VAL A 321 -6.49 0.39 1.69
C VAL A 321 -7.13 0.02 0.36
N GLY A 322 -6.82 -1.18 -0.14
CA GLY A 322 -7.39 -1.62 -1.40
C GLY A 322 -8.92 -1.66 -1.34
N GLY A 323 -9.44 -2.21 -0.24
CA GLY A 323 -10.89 -2.30 -0.10
C GLY A 323 -11.52 -0.93 0.05
N PHE A 324 -10.83 -0.03 0.77
CA PHE A 324 -11.34 1.32 0.97
C PHE A 324 -11.43 2.05 -0.37
N LEU A 325 -10.38 1.93 -1.18
CA LEU A 325 -10.34 2.59 -2.48
C LEU A 325 -11.43 2.02 -3.40
N TYR A 326 -11.62 0.71 -3.35
CA TYR A 326 -12.66 0.10 -4.18
C TYR A 326 -14.03 0.67 -3.81
N ALA A 327 -14.33 0.68 -2.50
CA ALA A 327 -15.61 1.19 -2.02
C ALA A 327 -15.76 2.66 -2.41
N LEU A 328 -14.66 3.39 -2.36
CA LEU A 328 -14.65 4.80 -2.71
C LEU A 328 -15.03 4.99 -4.17
N SER A 329 -14.49 4.12 -5.03
CA SER A 329 -14.76 4.20 -6.46
C SER A 329 -16.22 3.90 -6.75
N GLN A 330 -16.89 3.24 -5.80
CA GLN A 330 -18.29 2.89 -5.96
C GLN A 330 -19.21 3.92 -5.31
N GLY A 331 -18.64 5.01 -4.81
CA GLY A 331 -19.42 6.07 -4.19
C GLY A 331 -20.00 5.80 -2.82
N LYS A 332 -19.42 4.85 -2.09
CA LYS A 332 -19.91 4.54 -0.75
C LYS A 332 -19.53 5.63 0.25
N THR A 333 -20.19 5.59 1.41
CA THR A 333 -19.94 6.55 2.48
C THR A 333 -18.58 6.22 3.10
N VAL A 334 -18.04 7.14 3.89
CA VAL A 334 -16.76 6.93 4.54
C VAL A 334 -16.80 5.67 5.39
N LYS A 335 -17.86 5.51 6.17
CA LYS A 335 -17.99 4.33 7.03
C LYS A 335 -18.05 3.04 6.22
N GLN A 336 -18.75 3.07 5.09
CA GLN A 336 -18.86 1.89 4.24
C GLN A 336 -17.50 1.54 3.64
N CYS A 337 -16.73 2.57 3.30
CA CYS A 337 -15.39 2.37 2.73
C CYS A 337 -14.51 1.70 3.77
N ILE A 338 -14.62 2.16 5.01
CA ILE A 338 -13.82 1.60 6.10
C ILE A 338 -14.26 0.16 6.35
N MET A 339 -15.57 -0.09 6.26
CA MET A 339 -16.08 -1.44 6.48
C MET A 339 -15.57 -2.40 5.40
N CYS A 340 -15.50 -1.92 4.16
CA CYS A 340 -15.01 -2.77 3.08
C CYS A 340 -13.53 -3.04 3.29
N GLY A 341 -12.80 -2.02 3.72
CA GLY A 341 -11.39 -2.21 3.99
C GLY A 341 -11.19 -3.24 5.08
N ASN A 342 -11.99 -3.16 6.14
CA ASN A 342 -11.89 -4.12 7.23
C ASN A 342 -12.13 -5.54 6.76
N ALA A 343 -13.13 -5.71 5.89
CA ALA A 343 -13.48 -7.02 5.35
C ALA A 343 -12.36 -7.63 4.51
N CYS A 344 -11.68 -6.79 3.74
CA CYS A 344 -10.58 -7.27 2.90
C CYS A 344 -9.39 -7.67 3.74
N ALA A 345 -9.09 -6.88 4.77
CA ALA A 345 -7.98 -7.17 5.66
C ALA A 345 -8.27 -8.49 6.36
N GLN A 346 -9.51 -8.65 6.77
CA GLN A 346 -9.94 -9.86 7.46
C GLN A 346 -9.78 -11.10 6.57
N ASP A 347 -10.05 -10.93 5.28
CA ASP A 347 -9.97 -12.03 4.31
C ASP A 347 -8.55 -12.48 3.98
N VAL A 348 -7.65 -11.53 3.73
CA VAL A 348 -6.27 -11.85 3.36
C VAL A 348 -5.40 -12.50 4.45
N ILE A 349 -5.71 -12.24 5.72
CA ILE A 349 -4.91 -12.79 6.81
C ILE A 349 -5.14 -14.28 7.07
N GLN A 350 -6.02 -14.90 6.28
CA GLN A 350 -6.32 -16.31 6.46
C GLN A 350 -5.47 -17.23 5.58
N HIS A 351 -4.43 -16.66 4.97
CA HIS A 351 -3.52 -17.43 4.11
C HIS A 351 -2.20 -16.67 3.93
N VAL A 352 -1.11 -17.40 3.81
CA VAL A 352 0.20 -16.78 3.63
C VAL A 352 0.36 -16.20 2.23
N GLY A 353 1.03 -15.06 2.15
CA GLY A 353 1.22 -14.41 0.85
C GLY A 353 0.02 -13.54 0.54
N PHE A 354 0.22 -12.52 -0.29
CA PHE A 354 -0.87 -11.63 -0.62
C PHE A 354 -1.58 -12.07 -1.89
N SER A 355 -2.75 -12.67 -1.71
CA SER A 355 -3.53 -13.14 -2.83
C SER A 355 -5.01 -13.24 -2.43
N LEU A 356 -5.88 -13.19 -3.43
CA LEU A 356 -7.30 -13.30 -3.19
C LEU A 356 -7.92 -14.13 -4.30
N SER A 357 -9.03 -14.78 -3.99
CA SER A 357 -9.74 -15.59 -4.97
C SER A 357 -10.99 -14.83 -5.38
N PHE A 358 -11.49 -15.12 -6.57
CA PHE A 358 -12.68 -14.43 -7.05
C PHE A 358 -13.93 -14.87 -6.33
N THR A 359 -13.89 -16.07 -5.74
CA THR A 359 -15.04 -16.60 -5.03
C THR A 359 -15.18 -15.98 -3.65
N SER A 360 -16.43 -15.71 -3.27
CA SER A 360 -16.76 -15.14 -1.97
C SER A 360 -16.02 -13.85 -1.62
N LEU A 361 -15.85 -12.96 -2.60
CA LEU A 361 -15.19 -11.69 -2.35
C LEU A 361 -16.09 -10.83 -1.46
N PRO A 362 -15.49 -10.05 -0.55
CA PRO A 362 -16.28 -9.18 0.34
C PRO A 362 -16.78 -7.92 -0.35
N CYS A 363 -17.32 -7.01 0.47
CA CYS A 363 -17.83 -5.72 0.00
C CYS A 363 -18.93 -5.86 -1.05
MG MG B . -8.41 16.92 -7.49
CL CL C . 4.91 0.40 -2.41
O5' ADN D . 3.11 -5.23 2.35
C5' ADN D . 4.27 -5.97 2.74
C4' ADN D . 4.98 -6.50 1.53
O4' ADN D . 5.26 -5.41 0.60
C3' ADN D . 6.34 -7.12 1.82
O3' ADN D . 6.22 -8.50 2.16
C2' ADN D . 7.09 -6.93 0.51
O2' ADN D . 6.84 -7.95 -0.44
C1' ADN D . 6.55 -5.57 0.04
N9 ADN D . 7.36 -4.42 0.43
C8 ADN D . 8.17 -4.30 1.54
N7 ADN D . 8.77 -3.14 1.62
C5 ADN D . 8.33 -2.45 0.50
C6 ADN D . 8.62 -1.16 0.01
N6 ADN D . 9.45 -0.30 0.61
N1 ADN D . 8.01 -0.78 -1.13
C2 ADN D . 7.19 -1.64 -1.73
N3 ADN D . 6.85 -2.88 -1.38
C4 ADN D . 7.46 -3.23 -0.24
C ACY E . 0.51 -4.84 6.39
O ACY E . -0.19 -4.77 7.50
OXT ACY E . 0.10 -4.57 5.19
CH3 ACY E . 1.94 -5.31 6.59
#